data_5AQV
#
_entry.id   5AQV
#
_cell.length_a   115.050
_cell.length_b   40.630
_cell.length_c   127.920
_cell.angle_alpha   90.00
_cell.angle_beta   114.65
_cell.angle_gamma   90.00
#
_symmetry.space_group_name_H-M   'C 1 2 1'
#
loop_
_entity.id
_entity.type
_entity.pdbx_description
1 polymer 'HEAT SHOCK COGNATE 71 KDA PROTEIN'
2 polymer 'BAG FAMILY MOLECULAR CHAPERONE REGULATOR 1'
3 non-polymer (1R,2S,3R,5R)-3-((5-(benzyloxy)quinazolin-4-yl)amino)-5-(hydroxymethyl)cyclopentane-1,2-diol
4 non-polymer 2-AMINO-2-HYDROXYMETHYL-PROPANE-1,3-DIOL
5 non-polymer GLYCEROL
6 non-polymer 'DIMETHYL SULFOXIDE'
7 water water
#
loop_
_entity_poly.entity_id
_entity_poly.type
_entity_poly.pdbx_seq_one_letter_code
_entity_poly.pdbx_strand_id
1 'polypeptide(L)'
;GPLGSMSKGPAVGIDLGTTYSCVGVFQHGKVEIIANDQGNRTTPSYVAFTDTERLIGDAAKNQVAMNPTNTVFDAKRLIG
RRFDDAVVQSDMKHWPFMVVNDAGRPKVQVEYKGETKSFYPEEVSSMVLTKMKEIAEAYLGKTVTNAVVTVPAYFNDSQR
QATKDAGTIAGLNVLRIINEPTAAAIAYGLDKKVGAERNVLIFDLGGGTFDVSILTIEDGIFEVKSTAGDTHLGGEDFDN
RMVNHFIAEFKRKHKKDISENKRAVRRLRTACERAKRTLSSSTQASIEIDSLYEGIDFYTSITRARFEELNADLFRGTLD
PVEKALRDAKLDKSQIHDIVLVGGSTRIPKIQKLLQDFFNGKELNKSINPDEAVAYGAAVQAAILS
;
A
2 'polypeptide(L)'
;GPLGSNSPQEEVELKKLKHLEKSVEKIADQLEELNKELTGIQQGFLPKDLQAEALCKLDRRVKATIEQFMKILEEIDTLI
LPENFKDSRLKRKGLVKKVQAFLAECDTVEQNICQETE
;
B
#
loop_
_chem_comp.id
_chem_comp.type
_chem_comp.name
_chem_comp.formula
DMS non-polymer 'DIMETHYL SULFOXIDE' 'C2 H6 O S'
GOL non-polymer GLYCEROL 'C3 H8 O3'
KC7 non-polymer (1R,2S,3R,5R)-3-((5-(benzyloxy)quinazolin-4-yl)amino)-5-(hydroxymethyl)cyclopentane-1,2-diol 'C21 H23 N3 O4'
TRS non-polymer 2-AMINO-2-HYDROXYMETHYL-PROPANE-1,3-DIOL 'C4 H12 N O3 1'
#
# COMPACT_ATOMS: atom_id res chain seq x y z
N GLY A 9 -26.21 14.16 -8.07
CA GLY A 9 -24.86 13.69 -7.77
C GLY A 9 -23.77 14.33 -8.62
N PRO A 10 -22.66 14.83 -8.02
CA PRO A 10 -21.61 15.50 -8.82
C PRO A 10 -20.69 14.54 -9.59
N ALA A 11 -19.73 15.09 -10.34
CA ALA A 11 -18.73 14.31 -11.06
C ALA A 11 -17.50 14.21 -10.16
N VAL A 12 -16.86 13.05 -10.18
CA VAL A 12 -15.68 12.78 -9.34
C VAL A 12 -14.40 12.61 -10.16
N GLY A 13 -13.26 12.74 -9.50
CA GLY A 13 -11.95 12.51 -10.06
C GLY A 13 -11.39 11.27 -9.40
N ILE A 14 -10.93 10.32 -10.20
CA ILE A 14 -10.40 9.08 -9.66
C ILE A 14 -8.99 8.80 -10.15
N ASP A 15 -8.09 8.53 -9.22
CA ASP A 15 -6.72 8.19 -9.55
C ASP A 15 -6.67 6.69 -9.36
N LEU A 16 -6.52 5.96 -10.46
CA LEU A 16 -6.45 4.51 -10.39
C LEU A 16 -4.98 4.19 -10.39
N GLY A 17 -4.47 3.79 -9.23
CA GLY A 17 -3.05 3.49 -9.06
C GLY A 17 -2.73 2.02 -9.02
N THR A 18 -1.44 1.65 -9.24
CA THR A 18 -1.04 0.24 -9.26
C THR A 18 -1.35 -0.45 -7.95
N THR A 19 -1.06 0.21 -6.82
CA THR A 19 -1.28 -0.40 -5.51
C THR A 19 -2.35 0.30 -4.70
N TYR A 20 -2.58 1.63 -4.91
CA TYR A 20 -3.60 2.43 -4.19
C TYR A 20 -4.38 3.32 -5.15
N SER A 21 -5.67 3.53 -4.89
CA SER A 21 -6.50 4.44 -5.68
C SER A 21 -7.06 5.53 -4.77
N CYS A 22 -7.54 6.64 -5.35
CA CYS A 22 -7.97 7.80 -4.60
C CYS A 22 -9.09 8.47 -5.39
N VAL A 23 -10.14 8.92 -4.70
CA VAL A 23 -11.30 9.59 -5.33
C VAL A 23 -11.51 10.95 -4.65
N GLY A 24 -11.77 11.96 -5.45
CA GLY A 24 -12.03 13.30 -4.93
C GLY A 24 -13.23 13.94 -5.60
N VAL A 25 -13.80 14.93 -4.93
CA VAL A 25 -14.94 15.64 -5.48
C VAL A 25 -14.76 17.12 -5.18
N PHE A 26 -15.18 17.97 -6.10
CA PHE A 26 -15.05 19.40 -5.90
C PHE A 26 -16.40 19.93 -5.43
N GLN A 27 -16.44 20.44 -4.21
CA GLN A 27 -17.67 20.98 -3.66
C GLN A 27 -17.40 22.17 -2.75
N HIS A 28 -18.32 23.12 -2.75
CA HIS A 28 -18.21 24.31 -1.92
C HIS A 28 -16.91 25.08 -2.15
N GLY A 29 -16.47 25.13 -3.40
CA GLY A 29 -15.27 25.86 -3.74
C GLY A 29 -13.95 25.22 -3.31
N LYS A 30 -14.00 23.93 -2.95
CA LYS A 30 -12.80 23.23 -2.54
C LYS A 30 -12.84 21.76 -2.92
N VAL A 31 -11.66 21.14 -3.02
CA VAL A 31 -11.58 19.74 -3.36
C VAL A 31 -11.56 18.90 -2.09
N GLU A 32 -12.42 17.90 -2.05
CA GLU A 32 -12.53 17.01 -0.90
C GLU A 32 -12.08 15.63 -1.33
N ILE A 33 -11.02 15.12 -0.70
CA ILE A 33 -10.57 13.78 -1.00
C ILE A 33 -11.46 12.94 -0.09
N ILE A 34 -12.11 11.94 -0.66
CA ILE A 34 -13.06 11.11 0.09
C ILE A 34 -12.48 9.89 0.79
N ALA A 35 -12.71 9.82 2.10
CA ALA A 35 -12.27 8.70 2.91
C ALA A 35 -13.16 7.50 2.61
N ASN A 36 -12.56 6.31 2.62
CA ASN A 36 -13.31 5.09 2.36
C ASN A 36 -14.01 4.58 3.64
N ASP A 37 -14.68 3.42 3.55
CA ASP A 37 -15.42 2.81 4.66
C ASP A 37 -14.59 2.62 5.95
N GLN A 38 -13.26 2.46 5.80
CA GLN A 38 -12.30 2.28 6.90
C GLN A 38 -11.67 3.60 7.35
N GLY A 39 -12.14 4.70 6.76
CA GLY A 39 -11.66 6.05 7.05
C GLY A 39 -10.37 6.42 6.35
N ASN A 40 -9.92 5.60 5.37
CA ASN A 40 -8.68 5.89 4.68
C ASN A 40 -8.89 6.73 3.43
N ARG A 41 -8.08 7.75 3.24
CA ARG A 41 -8.15 8.62 2.06
C ARG A 41 -7.75 7.90 0.76
N THR A 42 -6.97 6.83 0.87
CA THR A 42 -6.57 6.04 -0.29
C THR A 42 -7.00 4.60 -0.05
N THR A 43 -7.36 3.90 -1.13
CA THR A 43 -7.82 2.51 -1.04
C THR A 43 -6.96 1.54 -1.85
N PRO A 44 -6.52 0.44 -1.23
CA PRO A 44 -5.71 -0.53 -1.99
C PRO A 44 -6.40 -1.04 -3.26
N SER A 45 -5.65 -1.08 -4.37
CA SER A 45 -6.13 -1.54 -5.69
C SER A 45 -6.02 -3.07 -5.69
N TYR A 46 -6.68 -3.67 -4.67
CA TYR A 46 -6.67 -5.09 -4.38
C TYR A 46 -8.04 -5.67 -4.51
N VAL A 47 -8.11 -6.85 -5.08
CA VAL A 47 -9.34 -7.63 -5.23
C VAL A 47 -9.01 -9.07 -4.77
N ALA A 48 -9.73 -9.58 -3.76
CA ALA A 48 -9.51 -10.92 -3.25
C ALA A 48 -10.71 -11.81 -3.50
N PHE A 49 -10.43 -13.05 -3.90
CA PHE A 49 -11.42 -14.08 -4.19
C PHE A 49 -11.27 -15.15 -3.13
N THR A 50 -12.38 -15.45 -2.46
CA THR A 50 -12.41 -16.42 -1.37
C THR A 50 -13.52 -17.40 -1.62
N ASP A 51 -13.56 -18.44 -0.80
CA ASP A 51 -14.57 -19.46 -0.96
C ASP A 51 -15.97 -18.87 -0.82
N THR A 52 -16.15 -17.94 0.10
CA THR A 52 -17.47 -17.33 0.30
C THR A 52 -17.75 -15.94 -0.29
N GLU A 53 -16.73 -15.21 -0.73
CA GLU A 53 -16.97 -13.86 -1.25
C GLU A 53 -15.83 -13.19 -2.01
N ARG A 54 -16.14 -12.03 -2.57
CA ARG A 54 -15.18 -11.20 -3.29
C ARG A 54 -14.97 -9.95 -2.44
N LEU A 55 -13.71 -9.65 -2.14
CA LEU A 55 -13.37 -8.50 -1.29
C LEU A 55 -12.57 -7.48 -2.12
N ILE A 56 -12.80 -6.17 -1.87
CA ILE A 56 -12.12 -5.10 -2.60
C ILE A 56 -11.62 -4.03 -1.62
N GLY A 57 -10.46 -3.45 -1.91
CA GLY A 57 -9.88 -2.38 -1.13
C GLY A 57 -9.21 -2.88 0.13
N ASP A 58 -9.42 -2.17 1.23
CA ASP A 58 -8.80 -2.53 2.53
C ASP A 58 -9.11 -3.95 2.96
N ALA A 59 -10.34 -4.42 2.70
CA ALA A 59 -10.77 -5.78 3.07
C ALA A 59 -9.94 -6.86 2.32
N ALA A 60 -9.54 -6.57 1.06
CA ALA A 60 -8.74 -7.50 0.28
C ALA A 60 -7.29 -7.47 0.75
N LYS A 61 -6.72 -6.27 0.97
CA LYS A 61 -5.33 -6.14 1.40
C LYS A 61 -5.18 -6.76 2.79
N ASN A 62 -6.20 -6.60 3.68
CA ASN A 62 -6.13 -7.09 5.06
C ASN A 62 -6.06 -8.62 5.16
N GLN A 63 -6.43 -9.36 4.12
CA GLN A 63 -6.34 -10.83 4.18
C GLN A 63 -5.30 -11.39 3.21
N VAL A 64 -4.41 -10.54 2.69
CA VAL A 64 -3.41 -10.97 1.73
C VAL A 64 -2.50 -12.10 2.29
N ALA A 65 -2.09 -11.99 3.57
CA ALA A 65 -1.20 -13.01 4.20
C ALA A 65 -1.88 -14.39 4.33
N MET A 66 -3.20 -14.38 4.52
CA MET A 66 -4.02 -15.58 4.57
C MET A 66 -4.28 -16.27 3.23
N ASN A 67 -4.52 -15.45 2.20
CA ASN A 67 -4.87 -15.93 0.87
C ASN A 67 -4.06 -15.22 -0.21
N PRO A 68 -2.75 -15.43 -0.24
CA PRO A 68 -1.90 -14.77 -1.24
C PRO A 68 -2.15 -15.12 -2.72
N THR A 69 -2.39 -16.38 -3.03
CA THR A 69 -2.61 -16.81 -4.41
C THR A 69 -3.87 -16.25 -5.05
N ASN A 70 -4.92 -16.09 -4.25
CA ASN A 70 -6.19 -15.58 -4.74
C ASN A 70 -6.43 -14.08 -4.56
N THR A 71 -5.42 -13.34 -4.12
CA THR A 71 -5.56 -11.90 -3.94
C THR A 71 -4.79 -11.22 -5.08
N VAL A 72 -5.50 -10.42 -5.86
CA VAL A 72 -4.95 -9.74 -7.04
C VAL A 72 -4.70 -8.29 -6.75
N PHE A 73 -3.59 -7.79 -7.29
CA PHE A 73 -3.15 -6.41 -7.19
C PHE A 73 -2.26 -6.16 -8.41
N ASP A 74 -1.92 -4.91 -8.70
CA ASP A 74 -1.07 -4.61 -9.85
C ASP A 74 -1.72 -4.87 -11.20
N ALA A 75 -3.05 -4.81 -11.25
CA ALA A 75 -3.77 -5.05 -12.50
C ALA A 75 -3.33 -4.00 -13.50
N LYS A 76 -3.05 -2.81 -13.00
CA LYS A 76 -2.61 -1.67 -13.81
C LYS A 76 -1.33 -2.00 -14.63
N ARG A 77 -0.49 -2.93 -14.11
CA ARG A 77 0.72 -3.34 -14.83
C ARG A 77 0.37 -4.26 -15.99
N LEU A 78 -0.83 -4.83 -15.97
CA LEU A 78 -1.29 -5.73 -17.02
C LEU A 78 -2.34 -5.15 -17.95
N ILE A 79 -3.04 -4.12 -17.51
CA ILE A 79 -4.12 -3.58 -18.32
C ILE A 79 -3.71 -3.04 -19.68
N GLY A 80 -4.41 -3.51 -20.70
CA GLY A 80 -4.18 -3.10 -22.07
C GLY A 80 -2.93 -3.69 -22.70
N ARG A 81 -2.30 -4.67 -22.04
CA ARG A 81 -1.07 -5.25 -22.62
C ARG A 81 -1.35 -6.61 -23.23
N ARG A 82 -0.48 -7.05 -24.18
CA ARG A 82 -0.53 -8.39 -24.77
C ARG A 82 0.17 -9.30 -23.74
N PHE A 83 -0.08 -10.61 -23.77
CA PHE A 83 0.56 -11.55 -22.84
C PHE A 83 2.08 -11.58 -23.00
N ASP A 84 2.55 -11.50 -24.25
CA ASP A 84 3.97 -11.56 -24.57
C ASP A 84 4.73 -10.26 -24.32
N ASP A 85 4.01 -9.25 -23.86
CA ASP A 85 4.62 -7.96 -23.58
C ASP A 85 5.71 -8.24 -22.55
N ALA A 86 6.85 -7.58 -22.68
CA ALA A 86 8.00 -7.80 -21.80
C ALA A 86 7.63 -7.52 -20.36
N VAL A 87 6.85 -6.46 -20.16
CA VAL A 87 6.39 -6.06 -18.82
C VAL A 87 5.57 -7.20 -18.18
N VAL A 88 4.61 -7.80 -18.91
CA VAL A 88 3.81 -8.92 -18.41
C VAL A 88 4.71 -10.12 -18.04
N GLN A 89 5.66 -10.45 -18.94
CA GLN A 89 6.58 -11.58 -18.73
C GLN A 89 7.50 -11.38 -17.53
N SER A 90 7.99 -10.15 -17.32
CA SER A 90 8.87 -9.86 -16.19
C SER A 90 8.12 -9.76 -14.86
N ASP A 91 6.98 -9.04 -14.87
CA ASP A 91 6.20 -8.80 -13.65
C ASP A 91 5.58 -10.05 -13.04
N MET A 92 5.29 -11.06 -13.85
CA MET A 92 4.67 -12.28 -13.37
C MET A 92 5.48 -12.95 -12.26
N LYS A 93 6.79 -12.93 -12.38
CA LYS A 93 7.64 -13.58 -11.39
C LYS A 93 7.39 -13.09 -9.96
N HIS A 94 7.08 -11.81 -9.81
CA HIS A 94 6.84 -11.23 -8.49
C HIS A 94 5.42 -11.41 -7.92
N TRP A 95 4.49 -11.96 -8.68
CA TRP A 95 3.12 -12.09 -8.19
C TRP A 95 2.80 -13.47 -7.66
N PRO A 96 2.12 -13.57 -6.49
CA PRO A 96 1.74 -14.89 -5.98
C PRO A 96 0.57 -15.50 -6.73
N PHE A 97 -0.20 -14.69 -7.48
CA PHE A 97 -1.36 -15.12 -8.28
C PHE A 97 -0.96 -15.52 -9.71
N MET A 98 -1.75 -16.40 -10.34
CA MET A 98 -1.50 -16.92 -11.67
C MET A 98 -1.93 -15.95 -12.76
N VAL A 99 -1.09 -15.81 -13.80
CA VAL A 99 -1.40 -15.02 -14.99
C VAL A 99 -1.35 -16.01 -16.18
N VAL A 100 -2.48 -16.16 -16.88
CA VAL A 100 -2.62 -17.08 -18.02
C VAL A 100 -2.77 -16.33 -19.35
N ASN A 101 -2.48 -17.03 -20.45
CA ASN A 101 -2.59 -16.50 -21.79
C ASN A 101 -3.89 -16.96 -22.47
N ASP A 102 -4.83 -16.01 -22.66
CA ASP A 102 -6.09 -16.26 -23.35
C ASP A 102 -6.01 -15.59 -24.73
N ALA A 103 -5.56 -16.37 -25.74
CA ALA A 103 -5.38 -15.95 -27.13
C ALA A 103 -4.62 -14.62 -27.27
N GLY A 104 -3.43 -14.58 -26.67
CA GLY A 104 -2.57 -13.40 -26.73
C GLY A 104 -2.81 -12.36 -25.66
N ARG A 105 -3.93 -12.45 -24.92
CA ARG A 105 -4.29 -11.53 -23.85
C ARG A 105 -4.05 -12.14 -22.48
N PRO A 106 -3.43 -11.42 -21.53
CA PRO A 106 -3.27 -11.99 -20.18
C PRO A 106 -4.58 -11.96 -19.40
N LYS A 107 -4.72 -12.94 -18.51
CA LYS A 107 -5.86 -13.04 -17.62
C LYS A 107 -5.31 -13.50 -16.28
N VAL A 108 -5.93 -13.06 -15.18
CA VAL A 108 -5.48 -13.49 -13.87
C VAL A 108 -6.37 -14.67 -13.52
N GLN A 109 -5.77 -15.75 -13.06
CA GLN A 109 -6.52 -16.95 -12.70
C GLN A 109 -6.56 -17.11 -11.20
N VAL A 110 -7.77 -17.30 -10.66
CA VAL A 110 -7.97 -17.45 -9.22
C VAL A 110 -8.96 -18.56 -8.85
N GLU A 111 -8.99 -18.93 -7.56
CA GLU A 111 -9.97 -19.86 -6.98
C GLU A 111 -11.03 -18.93 -6.37
N TYR A 112 -12.27 -19.03 -6.85
CA TYR A 112 -13.37 -18.19 -6.39
C TYR A 112 -14.62 -19.02 -6.20
N LYS A 113 -15.08 -19.14 -4.93
CA LYS A 113 -16.25 -19.93 -4.53
C LYS A 113 -16.12 -21.41 -5.00
N GLY A 114 -14.95 -21.99 -4.69
CA GLY A 114 -14.57 -23.36 -5.03
C GLY A 114 -14.38 -23.68 -6.50
N GLU A 115 -14.25 -22.66 -7.36
CA GLU A 115 -14.06 -22.85 -8.80
C GLU A 115 -12.90 -22.03 -9.36
N THR A 116 -12.19 -22.58 -10.36
CA THR A 116 -11.08 -21.91 -11.06
C THR A 116 -11.67 -20.91 -12.05
N LYS A 117 -11.49 -19.61 -11.78
CA LYS A 117 -12.03 -18.53 -12.62
C LYS A 117 -10.92 -17.61 -13.11
N SER A 118 -11.13 -16.99 -14.27
CA SER A 118 -10.15 -16.05 -14.83
C SER A 118 -10.78 -14.71 -15.19
N PHE A 119 -10.03 -13.62 -14.97
CA PHE A 119 -10.52 -12.28 -15.23
C PHE A 119 -9.54 -11.46 -16.07
N TYR A 120 -10.07 -10.63 -16.95
CA TYR A 120 -9.25 -9.75 -17.74
C TYR A 120 -8.81 -8.60 -16.82
N PRO A 121 -7.64 -7.96 -17.07
CA PRO A 121 -7.23 -6.82 -16.22
C PRO A 121 -8.24 -5.70 -16.08
N GLU A 122 -9.00 -5.34 -17.17
CA GLU A 122 -10.04 -4.31 -17.13
C GLU A 122 -11.18 -4.70 -16.23
N GLU A 123 -11.42 -6.03 -16.04
CA GLU A 123 -12.45 -6.54 -15.13
C GLU A 123 -11.99 -6.35 -13.68
N VAL A 124 -10.70 -6.64 -13.39
CA VAL A 124 -10.17 -6.46 -12.03
C VAL A 124 -10.22 -4.94 -11.76
N SER A 125 -9.73 -4.12 -12.71
CA SER A 125 -9.78 -2.67 -12.57
C SER A 125 -11.19 -2.10 -12.45
N SER A 126 -12.19 -2.72 -13.10
CA SER A 126 -13.60 -2.28 -12.98
C SER A 126 -14.12 -2.51 -11.55
N MET A 127 -13.64 -3.57 -10.86
CA MET A 127 -14.03 -3.89 -9.47
C MET A 127 -13.46 -2.84 -8.54
N VAL A 128 -12.23 -2.40 -8.80
CA VAL A 128 -11.58 -1.35 -8.02
C VAL A 128 -12.35 -0.04 -8.29
N LEU A 129 -12.71 0.21 -9.58
CA LEU A 129 -13.48 1.42 -9.90
C LEU A 129 -14.86 1.44 -9.25
N THR A 130 -15.52 0.27 -9.18
CA THR A 130 -16.82 0.10 -8.52
C THR A 130 -16.68 0.54 -7.07
N LYS A 131 -15.59 0.09 -6.40
CA LYS A 131 -15.31 0.44 -5.00
C LYS A 131 -15.14 1.94 -4.85
N MET A 132 -14.34 2.58 -5.74
CA MET A 132 -14.13 4.04 -5.70
C MET A 132 -15.45 4.80 -5.89
N LYS A 133 -16.32 4.32 -6.82
CA LYS A 133 -17.66 4.87 -7.07
C LYS A 133 -18.50 4.74 -5.78
N GLU A 134 -18.52 3.55 -5.20
CA GLU A 134 -19.27 3.31 -3.98
C GLU A 134 -18.77 4.19 -2.83
N ILE A 135 -17.46 4.38 -2.76
CA ILE A 135 -16.88 5.20 -1.71
C ILE A 135 -17.41 6.63 -1.82
N ALA A 136 -17.48 7.14 -3.05
CA ALA A 136 -17.98 8.48 -3.29
C ALA A 136 -19.46 8.60 -2.94
N GLU A 137 -20.24 7.59 -3.27
CA GLU A 137 -21.69 7.57 -3.03
C GLU A 137 -22.00 7.51 -1.55
N ALA A 138 -21.19 6.75 -0.79
CA ALA A 138 -21.40 6.60 0.65
C ALA A 138 -21.18 7.96 1.33
N TYR A 139 -20.17 8.73 0.89
CA TYR A 139 -19.90 10.05 1.46
C TYR A 139 -20.93 11.11 1.09
N LEU A 140 -21.27 11.19 -0.19
CA LEU A 140 -22.16 12.20 -0.73
C LEU A 140 -23.62 11.92 -0.45
N GLY A 141 -23.96 10.64 -0.26
CA GLY A 141 -25.35 10.22 -0.05
C GLY A 141 -26.16 10.44 -1.32
N LYS A 142 -25.45 10.52 -2.47
CA LYS A 142 -26.03 10.73 -3.80
C LYS A 142 -25.40 9.76 -4.76
N THR A 143 -26.11 9.43 -5.86
CA THR A 143 -25.62 8.53 -6.91
C THR A 143 -24.48 9.21 -7.65
N VAL A 144 -23.41 8.46 -7.93
CA VAL A 144 -22.27 8.98 -8.67
C VAL A 144 -22.16 8.21 -9.98
N THR A 145 -22.20 8.91 -11.11
CA THR A 145 -22.11 8.29 -12.44
C THR A 145 -20.90 8.83 -13.23
N ASN A 146 -20.68 10.15 -13.24
CA ASN A 146 -19.62 10.78 -14.01
C ASN A 146 -18.26 10.82 -13.30
N ALA A 147 -17.21 10.49 -14.04
CA ALA A 147 -15.87 10.51 -13.48
C ALA A 147 -14.79 10.81 -14.50
N VAL A 148 -13.69 11.37 -14.01
CA VAL A 148 -12.52 11.64 -14.80
C VAL A 148 -11.53 10.65 -14.22
N VAL A 149 -10.98 9.78 -15.06
CA VAL A 149 -10.05 8.75 -14.61
C VAL A 149 -8.67 9.03 -15.18
N THR A 150 -7.63 8.94 -14.34
CA THR A 150 -6.29 9.24 -14.82
C THR A 150 -5.53 7.98 -15.25
N VAL A 151 -4.51 8.19 -16.12
CA VAL A 151 -3.64 7.12 -16.61
C VAL A 151 -2.21 7.64 -16.70
N PRO A 152 -1.18 6.76 -16.69
CA PRO A 152 0.19 7.25 -16.90
C PRO A 152 0.34 7.86 -18.30
N ALA A 153 1.22 8.86 -18.43
CA ALA A 153 1.45 9.55 -19.71
C ALA A 153 2.01 8.60 -20.77
N TYR A 154 2.69 7.50 -20.35
CA TYR A 154 3.28 6.57 -21.31
C TYR A 154 2.30 5.49 -21.78
N PHE A 155 1.06 5.47 -21.24
CA PHE A 155 0.06 4.50 -21.67
C PHE A 155 -0.24 4.65 -23.17
N ASN A 156 -0.31 3.52 -23.90
CA ASN A 156 -0.60 3.57 -25.33
C ASN A 156 -2.13 3.53 -25.57
N ASP A 157 -2.60 3.47 -26.83
CA ASP A 157 -4.04 3.43 -27.13
C ASP A 157 -4.75 2.27 -26.45
N SER A 158 -4.14 1.07 -26.52
CA SER A 158 -4.70 -0.16 -25.93
C SER A 158 -4.92 -0.03 -24.42
N GLN A 159 -3.90 0.51 -23.73
CA GLN A 159 -3.92 0.70 -22.29
C GLN A 159 -4.95 1.75 -21.89
N ARG A 160 -5.07 2.84 -22.65
CA ARG A 160 -6.06 3.89 -22.38
C ARG A 160 -7.48 3.37 -22.58
N GLN A 161 -7.70 2.66 -23.71
CA GLN A 161 -9.01 2.08 -24.03
C GLN A 161 -9.41 1.03 -22.99
N ALA A 162 -8.46 0.19 -22.57
CA ALA A 162 -8.76 -0.82 -21.57
C ALA A 162 -9.16 -0.16 -20.21
N THR A 163 -8.54 0.99 -19.86
CA THR A 163 -8.88 1.74 -18.64
C THR A 163 -10.29 2.32 -18.77
N LYS A 164 -10.60 2.88 -19.96
CA LYS A 164 -11.95 3.38 -20.22
C LYS A 164 -12.96 2.23 -20.13
N ASP A 165 -12.63 1.03 -20.68
CA ASP A 165 -13.50 -0.16 -20.60
C ASP A 165 -13.79 -0.53 -19.14
N ALA A 166 -12.75 -0.42 -18.26
CA ALA A 166 -12.90 -0.71 -16.82
C ALA A 166 -13.93 0.24 -16.20
N GLY A 167 -13.87 1.52 -16.60
CA GLY A 167 -14.85 2.52 -16.15
C GLY A 167 -16.26 2.16 -16.59
N THR A 168 -16.42 1.80 -17.89
CA THR A 168 -17.72 1.42 -18.48
C THR A 168 -18.31 0.17 -17.81
N ILE A 169 -17.49 -0.88 -17.56
CA ILE A 169 -17.94 -2.12 -16.89
C ILE A 169 -18.43 -1.79 -15.46
N ALA A 170 -17.78 -0.81 -14.80
CA ALA A 170 -18.11 -0.35 -13.44
C ALA A 170 -19.36 0.55 -13.38
N GLY A 171 -19.96 0.85 -14.53
CA GLY A 171 -21.16 1.69 -14.57
C GLY A 171 -20.87 3.17 -14.54
N LEU A 172 -19.63 3.56 -14.83
CA LEU A 172 -19.27 4.97 -14.82
C LEU A 172 -19.36 5.57 -16.19
N ASN A 173 -19.74 6.85 -16.24
CA ASN A 173 -19.67 7.61 -17.48
C ASN A 173 -18.28 8.30 -17.43
N VAL A 174 -17.30 7.71 -18.14
CA VAL A 174 -15.92 8.23 -18.14
C VAL A 174 -15.88 9.47 -19.04
N LEU A 175 -16.12 10.66 -18.43
CA LEU A 175 -16.13 11.95 -19.11
C LEU A 175 -14.84 12.18 -19.87
N ARG A 176 -13.73 11.94 -19.19
CA ARG A 176 -12.44 12.16 -19.80
C ARG A 176 -11.35 11.33 -19.14
N ILE A 177 -10.33 11.01 -19.92
CA ILE A 177 -9.19 10.28 -19.41
C ILE A 177 -8.08 11.30 -19.56
N ILE A 178 -7.35 11.56 -18.49
CA ILE A 178 -6.28 12.52 -18.57
C ILE A 178 -5.01 11.92 -17.99
N ASN A 179 -3.86 12.39 -18.46
CA ASN A 179 -2.58 11.86 -17.97
C ASN A 179 -2.38 12.24 -16.51
N GLU A 180 -1.76 11.35 -15.72
CA GLU A 180 -1.45 11.60 -14.31
C GLU A 180 -0.60 12.88 -14.12
N PRO A 181 0.48 13.13 -14.89
CA PRO A 181 1.21 14.40 -14.71
C PRO A 181 0.38 15.66 -15.06
N THR A 182 -0.56 15.56 -16.03
CA THR A 182 -1.47 16.66 -16.38
C THR A 182 -2.38 16.97 -15.18
N ALA A 183 -2.95 15.93 -14.54
CA ALA A 183 -3.79 16.06 -13.35
C ALA A 183 -3.02 16.76 -12.23
N ALA A 184 -1.76 16.36 -12.00
CA ALA A 184 -0.88 16.92 -10.97
C ALA A 184 -0.61 18.39 -11.25
N ALA A 185 -0.37 18.72 -12.52
CA ALA A 185 -0.14 20.10 -12.93
C ALA A 185 -1.40 20.95 -12.70
N ILE A 186 -2.56 20.37 -13.03
CA ILE A 186 -3.84 21.05 -12.86
C ILE A 186 -4.14 21.35 -11.40
N ALA A 187 -3.78 20.44 -10.51
CA ALA A 187 -4.03 20.60 -9.09
C ALA A 187 -3.34 21.85 -8.57
N TYR A 188 -2.14 22.11 -9.08
CA TYR A 188 -1.35 23.29 -8.71
C TYR A 188 -1.68 24.53 -9.57
N GLY A 189 -2.58 24.36 -10.54
CA GLY A 189 -2.99 25.41 -11.46
C GLY A 189 -1.88 25.99 -12.32
N LEU A 190 -0.93 25.11 -12.72
CA LEU A 190 0.22 25.54 -13.53
C LEU A 190 -0.17 25.98 -14.95
N ASP A 191 -1.36 25.57 -15.43
CA ASP A 191 -1.88 25.98 -16.73
C ASP A 191 -2.44 27.42 -16.68
N LYS A 192 -2.73 27.89 -15.47
CA LYS A 192 -3.30 29.21 -15.27
C LYS A 192 -2.28 30.33 -15.07
N LYS A 193 -1.00 30.00 -15.12
CA LYS A 193 0.03 31.01 -14.94
C LYS A 193 0.30 31.75 -16.25
N VAL A 194 0.23 33.08 -16.20
CA VAL A 194 0.47 33.92 -17.38
C VAL A 194 1.93 33.97 -17.80
N GLY A 195 2.17 33.98 -19.11
CA GLY A 195 3.52 34.02 -19.61
C GLY A 195 3.74 33.17 -20.84
N ALA A 196 4.99 32.82 -21.09
CA ALA A 196 5.39 32.01 -22.22
C ALA A 196 5.17 30.54 -21.91
N GLU A 197 5.65 29.67 -22.78
CA GLU A 197 5.50 28.23 -22.59
C GLU A 197 6.12 27.88 -21.25
N ARG A 198 5.47 26.97 -20.52
CA ARG A 198 5.97 26.53 -19.23
C ARG A 198 6.41 25.09 -19.26
N ASN A 199 7.62 24.85 -18.79
CA ASN A 199 8.15 23.50 -18.74
C ASN A 199 8.00 23.02 -17.33
N VAL A 200 7.25 21.94 -17.18
CA VAL A 200 6.92 21.38 -15.89
C VAL A 200 7.53 19.98 -15.78
N LEU A 201 8.18 19.69 -14.63
CA LEU A 201 8.69 18.36 -14.36
C LEU A 201 7.83 17.76 -13.23
N ILE A 202 7.28 16.59 -13.47
CA ILE A 202 6.46 15.93 -12.47
C ILE A 202 7.29 14.77 -11.93
N PHE A 203 7.59 14.82 -10.64
CA PHE A 203 8.39 13.79 -9.98
C PHE A 203 7.39 12.94 -9.22
N ASP A 204 7.13 11.74 -9.73
CA ASP A 204 6.17 10.86 -9.10
C ASP A 204 6.80 9.60 -8.52
N LEU A 205 6.84 9.54 -7.20
CA LEU A 205 7.40 8.38 -6.51
C LEU A 205 6.37 7.87 -5.46
N GLY A 206 5.49 6.97 -5.90
CA GLY A 206 4.44 6.41 -5.08
C GLY A 206 3.91 5.09 -5.59
N GLY A 207 3.33 4.32 -4.68
CA GLY A 207 2.73 3.02 -4.98
C GLY A 207 3.59 1.94 -5.63
N GLY A 208 4.91 2.06 -5.55
CA GLY A 208 5.81 1.04 -6.11
C GLY A 208 6.37 1.35 -7.49
N THR A 209 6.00 2.52 -8.03
CA THR A 209 6.49 2.95 -9.34
C THR A 209 7.14 4.33 -9.23
N PHE A 210 8.06 4.64 -10.14
CA PHE A 210 8.72 5.92 -10.23
C PHE A 210 8.53 6.45 -11.66
N ASP A 211 7.78 7.56 -11.78
CA ASP A 211 7.55 8.16 -13.07
C ASP A 211 7.95 9.60 -13.08
N VAL A 212 8.81 9.97 -14.03
CA VAL A 212 9.22 11.35 -14.27
C VAL A 212 8.61 11.75 -15.63
N SER A 213 7.95 12.90 -15.69
CA SER A 213 7.37 13.38 -16.95
C SER A 213 7.71 14.84 -17.10
N ILE A 214 8.03 15.26 -18.33
CA ILE A 214 8.24 16.68 -18.60
C ILE A 214 7.12 17.10 -19.53
N LEU A 215 6.42 18.16 -19.17
CA LEU A 215 5.34 18.68 -19.97
C LEU A 215 5.57 20.14 -20.26
N THR A 216 5.12 20.58 -21.42
CA THR A 216 5.23 21.98 -21.78
C THR A 216 3.79 22.44 -21.88
N ILE A 217 3.45 23.51 -21.18
CA ILE A 217 2.09 24.03 -21.21
C ILE A 217 2.08 25.41 -21.84
N GLU A 218 1.19 25.61 -22.80
CA GLU A 218 1.08 26.88 -23.48
C GLU A 218 -0.34 27.04 -23.97
N ASP A 219 -1.00 28.13 -23.56
CA ASP A 219 -2.40 28.44 -23.90
C ASP A 219 -3.31 27.25 -23.57
N GLY A 220 -3.00 26.58 -22.45
CA GLY A 220 -3.73 25.45 -21.93
C GLY A 220 -3.57 24.11 -22.61
N ILE A 221 -2.65 24.02 -23.57
CA ILE A 221 -2.37 22.77 -24.28
C ILE A 221 -1.20 22.07 -23.57
N PHE A 222 -1.46 20.91 -22.99
CA PHE A 222 -0.43 20.14 -22.31
C PHE A 222 0.22 19.27 -23.36
N GLU A 223 1.55 19.38 -23.49
CA GLU A 223 2.34 18.57 -24.42
C GLU A 223 3.29 17.72 -23.55
N VAL A 224 3.21 16.39 -23.69
CA VAL A 224 4.12 15.48 -22.99
C VAL A 224 5.39 15.44 -23.84
N LYS A 225 6.46 16.06 -23.35
CA LYS A 225 7.74 16.12 -24.08
C LYS A 225 8.59 14.85 -23.85
N SER A 226 8.56 14.30 -22.64
CA SER A 226 9.33 13.10 -22.31
C SER A 226 8.78 12.44 -21.07
N THR A 227 9.05 11.12 -20.95
CA THR A 227 8.72 10.28 -19.80
C THR A 227 9.95 9.40 -19.53
N ALA A 228 10.22 9.12 -18.25
CA ALA A 228 11.34 8.27 -17.81
C ALA A 228 10.95 7.75 -16.44
N GLY A 229 11.79 6.88 -15.87
CA GLY A 229 11.48 6.36 -14.54
C GLY A 229 11.98 4.94 -14.33
N ASP A 230 11.44 4.33 -13.28
CA ASP A 230 11.75 2.96 -12.90
C ASP A 230 10.41 2.29 -12.65
N THR A 231 10.14 1.17 -13.32
CA THR A 231 8.87 0.48 -13.13
C THR A 231 8.71 -0.05 -11.71
N HIS A 232 9.81 -0.52 -11.14
CA HIS A 232 9.77 -1.04 -9.78
C HIS A 232 10.73 -0.29 -8.84
N LEU A 233 10.18 0.71 -8.17
CA LEU A 233 10.92 1.51 -7.19
C LEU A 233 9.95 2.24 -6.28
N GLY A 234 10.17 2.11 -4.99
CA GLY A 234 9.29 2.79 -4.05
C GLY A 234 9.57 2.50 -2.62
N GLY A 235 8.59 2.84 -1.78
CA GLY A 235 8.69 2.68 -0.34
C GLY A 235 9.10 1.30 0.12
N GLU A 236 8.60 0.23 -0.55
CA GLU A 236 8.94 -1.16 -0.17
C GLU A 236 10.45 -1.38 -0.22
N ASP A 237 11.14 -0.80 -1.19
CA ASP A 237 12.61 -0.95 -1.32
C ASP A 237 13.32 -0.25 -0.16
N PHE A 238 12.80 0.92 0.26
CA PHE A 238 13.43 1.69 1.35
C PHE A 238 13.21 0.97 2.68
N ASP A 239 12.02 0.36 2.85
CA ASP A 239 11.73 -0.43 4.07
C ASP A 239 12.67 -1.62 4.10
N ASN A 240 12.87 -2.27 2.94
CA ASN A 240 13.76 -3.43 2.85
C ASN A 240 15.18 -3.15 3.30
N ARG A 241 15.72 -1.97 2.94
CA ARG A 241 17.06 -1.56 3.37
C ARG A 241 17.11 -1.41 4.90
N MET A 242 16.03 -0.88 5.52
N MET A 242 16.02 -0.90 5.53
CA MET A 242 16.00 -0.76 6.98
CA MET A 242 15.98 -0.78 7.00
C MET A 242 15.92 -2.16 7.60
C MET A 242 15.93 -2.16 7.59
N VAL A 243 15.13 -3.07 6.97
CA VAL A 243 15.03 -4.47 7.48
C VAL A 243 16.44 -5.14 7.48
N ASN A 244 17.20 -4.97 6.37
CA ASN A 244 18.58 -5.51 6.26
C ASN A 244 19.45 -4.94 7.38
N HIS A 245 19.32 -3.65 7.62
CA HIS A 245 20.10 -2.99 8.65
C HIS A 245 19.81 -3.58 10.03
N PHE A 246 18.53 -3.76 10.33
CA PHE A 246 18.14 -4.34 11.61
C PHE A 246 18.50 -5.83 11.77
N ILE A 247 18.36 -6.60 10.70
CA ILE A 247 18.71 -8.00 10.75
C ILE A 247 20.21 -8.12 11.05
N ALA A 248 21.01 -7.30 10.40
CA ALA A 248 22.47 -7.28 10.66
C ALA A 248 22.76 -6.88 12.12
N GLU A 249 22.03 -5.88 12.62
CA GLU A 249 22.20 -5.41 14.01
C GLU A 249 21.87 -6.51 14.98
N PHE A 250 20.79 -7.28 14.72
CA PHE A 250 20.39 -8.39 15.59
C PHE A 250 21.49 -9.47 15.57
N LYS A 251 22.04 -9.75 14.38
CA LYS A 251 23.16 -10.72 14.32
C LYS A 251 24.35 -10.23 15.17
N ARG A 252 24.70 -8.95 15.07
CA ARG A 252 25.84 -8.40 15.81
C ARG A 252 25.61 -8.49 17.31
N LYS A 253 24.41 -8.09 17.76
CA LYS A 253 24.15 -8.08 19.19
C LYS A 253 23.88 -9.42 19.81
N HIS A 254 23.10 -10.27 19.13
CA HIS A 254 22.74 -11.56 19.70
C HIS A 254 23.28 -12.81 19.02
N LYS A 255 24.02 -12.64 17.93
CA LYS A 255 24.56 -13.78 17.20
C LYS A 255 23.45 -14.73 16.76
N LYS A 256 22.32 -14.17 16.36
CA LYS A 256 21.19 -14.95 15.89
C LYS A 256 20.67 -14.36 14.59
N ASP A 257 20.26 -15.22 13.68
CA ASP A 257 19.77 -14.79 12.39
C ASP A 257 18.23 -14.95 12.40
N ILE A 258 17.50 -13.84 12.38
CA ILE A 258 16.04 -13.89 12.37
C ILE A 258 15.43 -13.97 10.96
N SER A 259 16.29 -13.96 9.94
CA SER A 259 15.84 -13.92 8.56
C SER A 259 14.94 -15.05 8.09
N GLU A 260 15.13 -16.26 8.59
CA GLU A 260 14.26 -17.37 8.17
C GLU A 260 12.93 -17.47 8.93
N ASN A 261 12.73 -16.65 9.95
CA ASN A 261 11.45 -16.69 10.71
C ASN A 261 10.54 -15.63 10.05
N LYS A 262 9.58 -16.06 9.23
CA LYS A 262 8.76 -15.10 8.48
C LYS A 262 8.01 -14.14 9.40
N ARG A 263 7.49 -14.65 10.53
CA ARG A 263 6.78 -13.77 11.47
C ARG A 263 7.68 -12.72 12.09
N ALA A 264 8.94 -13.10 12.45
CA ALA A 264 9.87 -12.12 13.05
C ALA A 264 10.20 -11.06 12.00
N VAL A 265 10.45 -11.49 10.76
CA VAL A 265 10.78 -10.52 9.70
C VAL A 265 9.60 -9.63 9.46
N ARG A 266 8.38 -10.18 9.48
CA ARG A 266 7.20 -9.33 9.28
C ARG A 266 7.06 -8.27 10.40
N ARG A 267 7.19 -8.64 11.67
CA ARG A 267 7.03 -7.69 12.77
C ARG A 267 8.10 -6.59 12.60
N LEU A 268 9.27 -6.96 12.19
CA LEU A 268 10.34 -5.99 11.97
C LEU A 268 10.02 -5.08 10.81
N ARG A 269 9.59 -5.68 9.68
CA ARG A 269 9.25 -4.90 8.48
C ARG A 269 8.12 -3.90 8.76
N THR A 270 7.04 -4.32 9.46
CA THR A 270 5.94 -3.44 9.79
C THR A 270 6.45 -2.26 10.62
N ALA A 271 7.34 -2.54 11.59
CA ALA A 271 7.88 -1.48 12.46
C ALA A 271 8.76 -0.53 11.63
N CYS A 272 9.54 -1.07 10.67
CA CYS A 272 10.41 -0.27 9.78
C CYS A 272 9.61 0.68 8.93
N GLU A 273 8.50 0.20 8.34
CA GLU A 273 7.68 1.09 7.49
C GLU A 273 7.18 2.29 8.31
N ARG A 274 6.76 2.07 9.55
N ARG A 274 6.78 2.04 9.56
CA ARG A 274 6.26 3.14 10.44
CA ARG A 274 6.27 3.06 10.49
C ARG A 274 7.40 4.08 10.87
C ARG A 274 7.39 4.04 10.86
N ALA A 275 8.59 3.51 11.22
CA ALA A 275 9.79 4.30 11.60
C ALA A 275 10.17 5.17 10.41
N LYS A 276 10.11 4.62 9.17
CA LYS A 276 10.47 5.41 7.98
C LYS A 276 9.54 6.65 7.91
N ARG A 277 8.22 6.47 8.16
CA ARG A 277 7.29 7.61 8.13
C ARG A 277 7.63 8.65 9.20
N THR A 278 7.98 8.20 10.40
CA THR A 278 8.43 9.09 11.47
C THR A 278 9.67 9.89 11.01
N LEU A 279 10.61 9.23 10.28
CA LEU A 279 11.85 9.86 9.78
C LEU A 279 11.63 10.94 8.74
N SER A 280 10.41 11.08 8.21
CA SER A 280 10.11 12.16 7.25
C SER A 280 9.85 13.47 8.01
N SER A 281 9.51 13.41 9.33
CA SER A 281 9.25 14.63 10.09
C SER A 281 10.09 14.75 11.38
N SER A 282 10.76 13.66 11.81
CA SER A 282 11.68 13.63 12.96
C SER A 282 13.03 13.10 12.48
N THR A 283 14.10 13.38 13.23
CA THR A 283 15.43 12.93 12.86
C THR A 283 15.83 11.59 13.48
N GLN A 284 14.95 11.05 14.32
CA GLN A 284 15.19 9.77 14.96
C GLN A 284 13.89 9.01 15.17
N ALA A 285 13.97 7.69 15.17
CA ALA A 285 12.80 6.84 15.40
C ALA A 285 13.20 5.68 16.31
N SER A 286 12.32 5.29 17.22
CA SER A 286 12.63 4.18 18.12
C SER A 286 11.68 3.05 17.86
N ILE A 287 12.15 1.83 18.08
CA ILE A 287 11.36 0.63 17.88
C ILE A 287 11.51 -0.29 19.08
N GLU A 288 10.39 -0.78 19.58
CA GLU A 288 10.43 -1.73 20.69
C GLU A 288 9.61 -2.94 20.30
N ILE A 289 10.27 -4.09 20.19
CA ILE A 289 9.57 -5.31 19.85
C ILE A 289 9.93 -6.37 20.86
N ASP A 290 8.97 -6.78 21.69
CA ASP A 290 9.23 -7.81 22.67
C ASP A 290 9.26 -9.18 22.00
N SER A 291 10.13 -10.06 22.51
CA SER A 291 10.18 -11.46 22.08
C SER A 291 10.17 -11.59 20.54
N LEU A 292 11.05 -10.81 19.87
CA LEU A 292 11.08 -10.84 18.41
C LEU A 292 11.46 -12.22 17.85
N TYR A 293 12.53 -12.79 18.39
CA TYR A 293 13.04 -14.07 17.93
C TYR A 293 13.67 -14.81 19.09
N GLU A 294 13.25 -16.05 19.29
CA GLU A 294 13.79 -16.89 20.35
C GLU A 294 13.72 -16.21 21.72
N GLY A 295 12.64 -15.50 21.96
CA GLY A 295 12.40 -14.83 23.21
C GLY A 295 13.23 -13.59 23.48
N ILE A 296 13.95 -13.12 22.47
CA ILE A 296 14.80 -11.93 22.66
C ILE A 296 14.05 -10.64 22.34
N ASP A 297 14.05 -9.66 23.26
CA ASP A 297 13.41 -8.34 23.00
C ASP A 297 14.35 -7.50 22.17
N PHE A 298 13.81 -6.77 21.20
CA PHE A 298 14.63 -5.94 20.32
C PHE A 298 14.22 -4.49 20.47
N TYR A 299 15.01 -3.72 21.22
CA TYR A 299 14.72 -2.32 21.50
C TYR A 299 15.84 -1.56 20.87
N THR A 300 15.51 -0.76 19.89
CA THR A 300 16.54 -0.07 19.13
C THR A 300 16.03 1.28 18.58
N SER A 301 16.89 1.98 17.82
CA SER A 301 16.50 3.24 17.20
C SER A 301 17.32 3.42 15.92
N ILE A 302 16.90 4.34 15.08
CA ILE A 302 17.57 4.67 13.82
C ILE A 302 17.47 6.15 13.56
N THR A 303 18.57 6.79 13.08
CA THR A 303 18.54 8.20 12.76
C THR A 303 18.12 8.38 11.32
N ARG A 304 17.66 9.59 10.99
CA ARG A 304 17.34 9.93 9.61
C ARG A 304 18.62 9.77 8.74
N ALA A 305 19.80 10.19 9.26
CA ALA A 305 21.06 10.09 8.52
C ALA A 305 21.39 8.65 8.15
N ARG A 306 21.18 7.69 9.10
CA ARG A 306 21.42 6.28 8.82
C ARG A 306 20.45 5.76 7.79
N PHE A 307 19.17 6.11 7.90
CA PHE A 307 18.15 5.69 6.92
C PHE A 307 18.57 6.15 5.49
N GLU A 308 19.03 7.39 5.37
CA GLU A 308 19.51 8.01 4.13
C GLU A 308 20.75 7.26 3.57
N GLU A 309 21.70 6.82 4.45
CA GLU A 309 22.87 6.06 4.00
C GLU A 309 22.49 4.70 3.48
N LEU A 310 21.52 4.03 4.14
CA LEU A 310 21.06 2.70 3.74
C LEU A 310 20.41 2.71 2.38
N ASN A 311 19.90 3.87 1.98
CA ASN A 311 19.17 4.08 0.73
C ASN A 311 19.85 5.06 -0.20
N ALA A 312 21.14 5.29 0.02
CA ALA A 312 21.93 6.26 -0.76
C ALA A 312 21.86 6.06 -2.26
N ASP A 313 22.06 4.83 -2.74
CA ASP A 313 22.04 4.49 -4.19
C ASP A 313 20.64 4.68 -4.77
N LEU A 314 19.61 4.23 -4.06
CA LEU A 314 18.23 4.34 -4.55
C LEU A 314 17.75 5.79 -4.61
N PHE A 315 18.10 6.62 -3.59
CA PHE A 315 17.70 8.02 -3.53
C PHE A 315 18.41 8.82 -4.62
N ARG A 316 19.74 8.65 -4.74
CA ARG A 316 20.53 9.31 -5.79
C ARG A 316 20.08 8.86 -7.19
N GLY A 317 19.76 7.57 -7.30
CA GLY A 317 19.29 6.94 -8.53
C GLY A 317 18.08 7.63 -9.13
N THR A 318 17.25 8.31 -8.31
CA THR A 318 16.03 8.99 -8.81
C THR A 318 16.36 10.14 -9.76
N LEU A 319 17.60 10.68 -9.70
CA LEU A 319 18.01 11.76 -10.59
C LEU A 319 18.37 11.28 -11.98
N ASP A 320 18.69 10.00 -12.17
CA ASP A 320 19.04 9.52 -13.49
C ASP A 320 17.85 9.66 -14.43
N PRO A 321 16.66 9.28 -13.97
CA PRO A 321 15.47 9.42 -14.81
C PRO A 321 15.21 10.89 -15.13
N VAL A 322 15.46 11.77 -14.17
CA VAL A 322 15.26 13.20 -14.38
C VAL A 322 16.18 13.72 -15.48
N GLU A 323 17.44 13.28 -15.44
CA GLU A 323 18.43 13.64 -16.45
C GLU A 323 18.03 13.11 -17.82
N LYS A 324 17.61 11.83 -17.90
CA LYS A 324 17.13 11.17 -19.12
C LYS A 324 15.94 11.93 -19.74
N ALA A 325 14.92 12.26 -18.91
CA ALA A 325 13.74 12.99 -19.40
C ALA A 325 14.14 14.37 -19.93
N LEU A 326 15.06 15.08 -19.23
CA LEU A 326 15.54 16.39 -19.68
C LEU A 326 16.22 16.31 -21.04
N ARG A 327 17.07 15.28 -21.26
CA ARG A 327 17.77 15.06 -22.53
C ARG A 327 16.77 14.70 -23.66
N ASP A 328 15.73 13.90 -23.34
CA ASP A 328 14.73 13.50 -24.34
C ASP A 328 13.80 14.66 -24.74
N ALA A 329 13.57 15.60 -23.80
CA ALA A 329 12.74 16.80 -24.02
C ALA A 329 13.57 17.93 -24.64
N LYS A 330 14.90 17.70 -24.82
CA LYS A 330 15.87 18.64 -25.39
C LYS A 330 15.90 19.94 -24.54
N LEU A 331 15.92 19.79 -23.21
CA LEU A 331 15.90 20.93 -22.29
C LEU A 331 17.01 20.88 -21.27
N ASP A 332 17.57 22.06 -20.94
CA ASP A 332 18.54 22.18 -19.88
C ASP A 332 17.69 22.25 -18.60
N LYS A 333 18.25 21.82 -17.44
CA LYS A 333 17.53 21.83 -16.16
C LYS A 333 17.02 23.25 -15.75
N SER A 334 17.73 24.32 -16.17
CA SER A 334 17.39 25.72 -15.90
C SER A 334 16.14 26.17 -16.68
N GLN A 335 15.71 25.38 -17.68
CA GLN A 335 14.53 25.68 -18.51
C GLN A 335 13.23 25.15 -17.86
N ILE A 336 13.34 24.49 -16.71
CA ILE A 336 12.15 23.95 -16.06
C ILE A 336 11.56 24.98 -15.10
N HIS A 337 10.39 25.50 -15.48
CA HIS A 337 9.67 26.49 -14.68
C HIS A 337 9.07 26.00 -13.36
N ASP A 338 8.50 24.81 -13.37
CA ASP A 338 7.88 24.24 -12.17
C ASP A 338 8.22 22.77 -11.94
N ILE A 339 8.35 22.41 -10.67
CA ILE A 339 8.61 21.02 -10.26
C ILE A 339 7.49 20.62 -9.31
N VAL A 340 6.80 19.49 -9.61
CA VAL A 340 5.69 18.97 -8.80
C VAL A 340 6.05 17.62 -8.19
N LEU A 341 5.82 17.48 -6.88
CA LEU A 341 6.08 16.22 -6.20
C LEU A 341 4.80 15.42 -6.05
N VAL A 342 4.82 14.19 -6.54
CA VAL A 342 3.66 13.30 -6.46
C VAL A 342 4.09 11.94 -5.89
N GLY A 343 3.18 11.30 -5.18
CA GLY A 343 3.42 10.00 -4.56
C GLY A 343 3.84 10.17 -3.13
N GLY A 344 3.52 9.19 -2.29
CA GLY A 344 3.85 9.27 -0.87
C GLY A 344 5.31 9.33 -0.49
N SER A 345 6.18 8.66 -1.27
CA SER A 345 7.62 8.62 -0.98
C SER A 345 8.34 9.94 -1.23
N THR A 346 7.70 10.92 -1.93
CA THR A 346 8.32 12.24 -2.15
C THR A 346 8.32 13.05 -0.85
N ARG A 347 7.72 12.50 0.22
CA ARG A 347 7.71 13.14 1.52
C ARG A 347 9.09 12.98 2.18
N ILE A 348 9.92 12.07 1.65
CA ILE A 348 11.25 11.80 2.22
C ILE A 348 12.12 13.05 2.07
N PRO A 349 12.56 13.71 3.18
CA PRO A 349 13.37 14.93 3.05
C PRO A 349 14.60 14.82 2.14
N LYS A 350 15.31 13.69 2.18
CA LYS A 350 16.50 13.49 1.35
C LYS A 350 16.19 13.52 -0.14
N ILE A 351 15.09 12.92 -0.55
CA ILE A 351 14.66 12.92 -1.97
C ILE A 351 14.36 14.35 -2.41
N GLN A 352 13.66 15.13 -1.55
CA GLN A 352 13.32 16.53 -1.85
C GLN A 352 14.60 17.34 -1.98
N LYS A 353 15.55 17.10 -1.05
CA LYS A 353 16.84 17.80 -1.02
C LYS A 353 17.64 17.55 -2.30
N LEU A 354 17.73 16.27 -2.74
CA LEU A 354 18.43 15.88 -3.97
C LEU A 354 17.84 16.59 -5.21
N LEU A 355 16.50 16.63 -5.30
CA LEU A 355 15.80 17.26 -6.42
C LEU A 355 15.92 18.79 -6.41
N GLN A 356 15.79 19.43 -5.23
CA GLN A 356 15.91 20.88 -5.11
C GLN A 356 17.35 21.34 -5.47
N ASP A 357 18.37 20.58 -4.97
CA ASP A 357 19.80 20.83 -5.22
C ASP A 357 20.13 20.65 -6.68
N PHE A 358 19.57 19.59 -7.34
CA PHE A 358 19.76 19.38 -8.77
C PHE A 358 19.20 20.58 -9.54
N PHE A 359 18.07 21.15 -9.08
CA PHE A 359 17.46 22.32 -9.74
C PHE A 359 17.92 23.67 -9.15
N ASN A 360 19.11 23.68 -8.52
CA ASN A 360 19.82 24.83 -7.93
C ASN A 360 19.01 25.65 -6.91
N GLY A 361 18.40 24.96 -5.95
CA GLY A 361 17.66 25.60 -4.86
C GLY A 361 16.26 26.06 -5.18
N LYS A 362 15.71 25.61 -6.33
CA LYS A 362 14.37 25.96 -6.78
C LYS A 362 13.33 25.33 -5.85
N GLU A 363 12.30 26.11 -5.49
CA GLU A 363 11.22 25.65 -4.61
C GLU A 363 10.33 24.64 -5.32
N LEU A 364 9.93 23.59 -4.60
CA LEU A 364 9.10 22.52 -5.13
C LEU A 364 7.63 22.73 -4.81
N ASN A 365 6.74 22.27 -5.71
CA ASN A 365 5.30 22.30 -5.50
C ASN A 365 4.98 21.01 -4.74
N LYS A 366 4.73 21.14 -3.43
CA LYS A 366 4.50 20.02 -2.52
C LYS A 366 3.42 20.27 -1.45
N SER A 367 2.75 21.43 -1.48
CA SER A 367 1.70 21.79 -0.52
C SER A 367 0.50 20.83 -0.52
N ILE A 368 0.15 20.27 -1.70
CA ILE A 368 -0.95 19.31 -1.79
C ILE A 368 -0.41 17.94 -1.40
N ASN A 369 -1.20 17.17 -0.66
CA ASN A 369 -0.76 15.87 -0.24
C ASN A 369 -0.32 15.13 -1.48
N PRO A 370 0.90 14.57 -1.45
CA PRO A 370 1.45 13.88 -2.62
C PRO A 370 0.62 12.70 -3.08
N ASP A 371 0.06 11.96 -2.14
CA ASP A 371 -0.77 10.80 -2.42
C ASP A 371 -2.09 11.20 -3.08
N GLU A 372 -2.49 12.45 -2.88
CA GLU A 372 -3.80 12.94 -3.32
C GLU A 372 -3.83 13.89 -4.51
N ALA A 373 -2.66 14.42 -4.94
CA ALA A 373 -2.55 15.42 -6.00
C ALA A 373 -3.17 14.99 -7.33
N VAL A 374 -2.97 13.72 -7.73
CA VAL A 374 -3.51 13.26 -9.02
C VAL A 374 -5.05 13.20 -8.93
N ALA A 375 -5.60 12.67 -7.82
CA ALA A 375 -7.07 12.68 -7.66
C ALA A 375 -7.65 14.08 -7.53
N TYR A 376 -6.91 15.00 -6.86
CA TYR A 376 -7.26 16.40 -6.68
C TYR A 376 -7.45 17.11 -8.05
N GLY A 377 -6.45 16.99 -8.93
CA GLY A 377 -6.47 17.59 -10.27
C GLY A 377 -7.55 17.00 -11.16
N ALA A 378 -7.79 15.67 -11.02
CA ALA A 378 -8.84 14.97 -11.76
C ALA A 378 -10.22 15.43 -11.26
N ALA A 379 -10.34 15.73 -9.93
CA ALA A 379 -11.60 16.23 -9.34
C ALA A 379 -11.87 17.65 -9.86
N VAL A 380 -10.80 18.47 -9.99
CA VAL A 380 -10.93 19.83 -10.53
C VAL A 380 -11.46 19.74 -11.98
N GLN A 381 -10.84 18.88 -12.80
CA GLN A 381 -11.25 18.69 -14.20
C GLN A 381 -12.68 18.13 -14.28
N ALA A 382 -13.05 17.21 -13.37
CA ALA A 382 -14.42 16.69 -13.34
C ALA A 382 -15.45 17.77 -13.03
N ALA A 383 -15.06 18.80 -12.22
CA ALA A 383 -15.95 19.93 -11.88
C ALA A 383 -16.15 20.84 -13.08
N ILE A 384 -15.05 21.11 -13.83
CA ILE A 384 -15.05 21.95 -15.04
C ILE A 384 -15.96 21.32 -16.13
N LEU A 385 -16.00 19.98 -16.19
CA LEU A 385 -16.77 19.20 -17.15
C LEU A 385 -18.18 18.88 -16.68
N SER A 386 -18.54 19.31 -15.47
CA SER A 386 -19.89 19.12 -14.94
C SER A 386 -20.88 20.09 -15.60
N GLY B 1 14.73 4.51 38.23
CA GLY B 1 13.43 5.15 38.36
C GLY B 1 12.89 5.11 39.79
N PRO B 2 12.05 6.10 40.19
CA PRO B 2 11.52 6.09 41.56
C PRO B 2 10.48 5.03 41.88
N LEU B 3 10.40 4.67 43.18
CA LEU B 3 9.46 3.70 43.75
C LEU B 3 8.10 4.36 43.88
N GLY B 4 7.05 3.55 43.71
CA GLY B 4 5.65 3.98 43.83
C GLY B 4 5.39 5.35 43.23
N SER B 5 5.75 5.48 41.97
CA SER B 5 5.60 6.73 41.22
C SER B 5 4.66 6.53 40.05
N ASN B 6 3.64 5.69 40.24
CA ASN B 6 2.70 5.43 39.18
C ASN B 6 2.13 6.72 38.66
N SER B 7 2.11 6.85 37.34
CA SER B 7 1.64 8.07 36.71
C SER B 7 0.37 7.94 35.88
N PRO B 8 -0.34 9.05 35.73
CA PRO B 8 -1.56 9.02 34.94
C PRO B 8 -1.23 8.64 33.52
N GLN B 9 -0.07 9.10 33.04
CA GLN B 9 0.34 8.82 31.68
C GLN B 9 0.42 7.32 31.44
N GLU B 10 0.93 6.58 32.41
CA GLU B 10 1.03 5.14 32.28
C GLU B 10 -0.37 4.52 32.15
N GLU B 11 -1.34 5.08 32.87
CA GLU B 11 -2.71 4.54 32.80
C GLU B 11 -3.22 4.48 31.39
N VAL B 12 -2.85 5.47 30.58
CA VAL B 12 -3.24 5.52 29.16
C VAL B 12 -2.66 4.29 28.42
N GLU B 13 -1.39 3.94 28.69
CA GLU B 13 -0.73 2.79 28.03
C GLU B 13 -1.33 1.48 28.52
N LEU B 14 -1.63 1.41 29.82
CA LEU B 14 -2.23 0.22 30.41
C LEU B 14 -3.63 -0.03 29.85
N LYS B 15 -4.39 1.04 29.55
CA LYS B 15 -5.74 0.90 28.97
C LYS B 15 -5.61 0.30 27.55
N LYS B 16 -4.61 0.77 26.76
CA LYS B 16 -4.34 0.24 25.41
C LYS B 16 -4.06 -1.23 25.48
N LEU B 17 -3.22 -1.64 26.44
CA LEU B 17 -2.85 -3.04 26.63
C LEU B 17 -4.03 -3.87 27.07
N LYS B 18 -4.89 -3.32 27.95
CA LYS B 18 -6.09 -4.05 28.39
C LYS B 18 -7.02 -4.32 27.24
N HIS B 19 -7.19 -3.35 26.34
N HIS B 19 -7.19 -3.36 26.33
CA HIS B 19 -8.05 -3.56 25.17
CA HIS B 19 -8.04 -3.52 25.14
C HIS B 19 -7.45 -4.72 24.36
C HIS B 19 -7.46 -4.62 24.23
N LEU B 20 -6.13 -4.68 24.13
CA LEU B 20 -5.43 -5.73 23.36
C LEU B 20 -5.58 -7.10 24.03
N GLU B 21 -5.53 -7.14 25.37
CA GLU B 21 -5.72 -8.38 26.13
C GLU B 21 -7.11 -8.94 25.84
N LYS B 22 -8.15 -8.07 25.80
CA LYS B 22 -9.54 -8.49 25.54
C LYS B 22 -9.67 -9.01 24.12
N SER B 23 -9.00 -8.37 23.15
CA SER B 23 -9.05 -8.79 21.75
C SER B 23 -8.39 -10.15 21.63
N VAL B 24 -7.29 -10.40 22.39
CA VAL B 24 -6.57 -11.69 22.39
C VAL B 24 -7.49 -12.79 22.96
N GLU B 25 -8.24 -12.48 24.04
CA GLU B 25 -9.18 -13.46 24.64
C GLU B 25 -10.23 -13.90 23.61
N LYS B 26 -10.77 -12.95 22.81
CA LYS B 26 -11.76 -13.23 21.77
C LYS B 26 -11.17 -14.10 20.66
N ILE B 27 -9.94 -13.82 20.26
CA ILE B 27 -9.29 -14.61 19.24
C ILE B 27 -9.04 -16.03 19.77
N ALA B 28 -8.65 -16.10 21.04
CA ALA B 28 -8.39 -17.38 21.69
C ALA B 28 -9.65 -18.22 21.73
N ASP B 29 -10.78 -17.57 21.97
CA ASP B 29 -12.07 -18.26 22.00
C ASP B 29 -12.32 -18.87 20.63
N GLN B 30 -12.00 -18.11 19.59
CA GLN B 30 -12.16 -18.58 18.20
C GLN B 30 -11.28 -19.80 17.96
N LEU B 31 -10.05 -19.77 18.51
CA LEU B 31 -9.13 -20.91 18.41
C LEU B 31 -9.76 -22.13 19.11
N GLU B 32 -10.34 -21.95 20.33
CA GLU B 32 -10.96 -23.09 21.03
C GLU B 32 -12.16 -23.64 20.23
N GLU B 33 -12.94 -22.76 19.59
CA GLU B 33 -14.06 -23.24 18.75
C GLU B 33 -13.56 -24.03 17.55
N LEU B 34 -12.43 -23.58 16.93
CA LEU B 34 -11.81 -24.31 15.81
C LEU B 34 -11.32 -25.69 16.24
N ASN B 35 -10.73 -25.75 17.45
CA ASN B 35 -10.26 -27.00 18.07
C ASN B 35 -11.45 -27.98 18.23
N LYS B 36 -12.59 -27.49 18.73
CA LYS B 36 -13.80 -28.33 18.91
C LYS B 36 -14.31 -28.86 17.56
N GLU B 37 -14.32 -27.99 16.54
CA GLU B 37 -14.76 -28.35 15.19
C GLU B 37 -13.85 -29.44 14.60
N LEU B 38 -12.54 -29.30 14.82
CA LEU B 38 -11.57 -30.25 14.31
C LEU B 38 -11.82 -31.62 14.91
N THR B 39 -12.09 -31.65 16.22
CA THR B 39 -12.36 -32.90 16.90
C THR B 39 -13.64 -33.50 16.31
N GLY B 40 -14.62 -32.64 16.05
CA GLY B 40 -15.89 -33.09 15.49
C GLY B 40 -15.73 -33.73 14.14
N ILE B 41 -14.88 -33.14 13.29
CA ILE B 41 -14.65 -33.67 11.96
C ILE B 41 -13.99 -35.04 12.07
N GLN B 42 -13.04 -35.16 12.99
CA GLN B 42 -12.32 -36.41 13.21
C GLN B 42 -13.22 -37.52 13.74
N GLN B 43 -14.16 -37.16 14.61
CA GLN B 43 -15.07 -38.13 15.21
C GLN B 43 -16.41 -38.29 14.46
N GLY B 44 -16.54 -37.58 13.35
CA GLY B 44 -17.73 -37.61 12.52
C GLY B 44 -17.76 -38.72 11.47
N PHE B 45 -18.86 -38.76 10.72
CA PHE B 45 -19.06 -39.73 9.66
C PHE B 45 -18.74 -39.16 8.26
N LEU B 46 -18.00 -38.04 8.16
CA LEU B 46 -17.65 -37.55 6.84
C LEU B 46 -16.74 -38.56 6.14
N PRO B 47 -17.02 -38.95 4.86
CA PRO B 47 -16.07 -39.85 4.16
C PRO B 47 -14.81 -39.05 3.80
N LYS B 48 -13.71 -39.71 3.36
CA LYS B 48 -12.40 -39.10 3.04
C LYS B 48 -12.44 -37.73 2.32
N ASP B 49 -13.14 -37.64 1.17
CA ASP B 49 -13.26 -36.44 0.34
C ASP B 49 -13.95 -35.24 1.04
N LEU B 50 -15.06 -35.51 1.76
CA LEU B 50 -15.78 -34.45 2.47
C LEU B 50 -15.02 -34.07 3.72
N GLN B 51 -14.23 -35.01 4.27
CA GLN B 51 -13.40 -34.76 5.45
C GLN B 51 -12.32 -33.75 5.04
N ALA B 52 -11.70 -33.96 3.85
CA ALA B 52 -10.67 -33.07 3.35
C ALA B 52 -11.22 -31.67 3.13
N GLU B 53 -12.43 -31.55 2.51
CA GLU B 53 -13.07 -30.26 2.26
C GLU B 53 -13.30 -29.52 3.61
N ALA B 54 -13.84 -30.24 4.61
CA ALA B 54 -14.14 -29.68 5.93
C ALA B 54 -12.83 -29.27 6.64
N LEU B 55 -11.75 -30.06 6.52
CA LEU B 55 -10.46 -29.66 7.14
C LEU B 55 -9.83 -28.44 6.42
N CYS B 56 -10.06 -28.30 5.11
CA CYS B 56 -9.51 -27.15 4.39
C CYS B 56 -10.31 -25.86 4.70
N LYS B 57 -11.63 -25.98 5.00
CA LYS B 57 -12.44 -24.83 5.39
C LYS B 57 -11.95 -24.40 6.77
N LEU B 58 -11.63 -25.41 7.61
CA LEU B 58 -11.12 -25.21 8.94
C LEU B 58 -9.71 -24.56 8.84
N ASP B 59 -8.93 -24.95 7.82
CA ASP B 59 -7.57 -24.41 7.55
C ASP B 59 -7.60 -22.90 7.30
N ARG B 60 -8.53 -22.44 6.46
CA ARG B 60 -8.71 -21.03 6.14
C ARG B 60 -9.09 -20.31 7.42
N ARG B 61 -9.88 -20.95 8.28
CA ARG B 61 -10.25 -20.32 9.54
C ARG B 61 -9.05 -20.25 10.49
N VAL B 62 -8.19 -21.29 10.50
CA VAL B 62 -7.00 -21.26 11.36
C VAL B 62 -6.01 -20.20 10.84
N LYS B 63 -5.94 -20.03 9.51
CA LYS B 63 -5.10 -18.96 8.91
C LYS B 63 -5.62 -17.57 9.29
N ALA B 64 -6.95 -17.43 9.39
CA ALA B 64 -7.58 -16.15 9.81
C ALA B 64 -7.20 -15.87 11.27
N THR B 65 -7.29 -16.91 12.16
CA THR B 65 -6.91 -16.78 13.57
C THR B 65 -5.45 -16.34 13.70
N ILE B 66 -4.51 -16.99 12.98
CA ILE B 66 -3.09 -16.65 12.99
C ILE B 66 -2.91 -15.19 12.59
N GLU B 67 -3.58 -14.77 11.50
CA GLU B 67 -3.48 -13.39 11.04
C GLU B 67 -3.94 -12.38 12.09
N GLN B 68 -5.07 -12.67 12.77
CA GLN B 68 -5.57 -11.80 13.84
C GLN B 68 -4.54 -11.67 14.96
N PHE B 69 -3.92 -12.81 15.35
CA PHE B 69 -2.88 -12.75 16.39
C PHE B 69 -1.68 -11.94 15.88
N MET B 70 -1.31 -12.10 14.60
CA MET B 70 -0.18 -11.31 14.03
C MET B 70 -0.51 -9.80 14.05
N LYS B 71 -1.76 -9.41 13.72
CA LYS B 71 -2.16 -8.00 13.75
C LYS B 71 -2.10 -7.45 15.17
N ILE B 72 -2.43 -8.29 16.19
CA ILE B 72 -2.30 -7.90 17.61
C ILE B 72 -0.82 -7.61 17.92
N LEU B 73 0.07 -8.53 17.54
CA LEU B 73 1.50 -8.28 17.78
C LEU B 73 1.96 -6.97 17.11
N GLU B 74 1.51 -6.73 15.88
CA GLU B 74 1.90 -5.50 15.17
C GLU B 74 1.41 -4.26 15.90
N GLU B 75 0.23 -4.36 16.50
CA GLU B 75 -0.34 -3.30 17.31
C GLU B 75 0.47 -3.07 18.59
N ILE B 76 0.83 -4.16 19.27
CA ILE B 76 1.62 -4.06 20.52
C ILE B 76 3.02 -3.44 20.16
N ASP B 77 3.53 -3.81 18.98
CA ASP B 77 4.85 -3.33 18.50
C ASP B 77 4.88 -1.82 18.24
N THR B 78 3.70 -1.16 18.23
CA THR B 78 3.68 0.30 18.02
C THR B 78 3.96 1.03 19.36
N LEU B 79 3.86 0.32 20.47
CA LEU B 79 4.08 0.93 21.77
C LEU B 79 5.53 1.23 22.10
N ILE B 80 5.76 2.38 22.71
CA ILE B 80 7.07 2.77 23.17
C ILE B 80 6.80 3.04 24.64
N LEU B 81 7.41 2.25 25.52
CA LEU B 81 7.16 2.44 26.93
C LEU B 81 8.44 2.83 27.65
N PRO B 82 8.42 4.00 28.29
CA PRO B 82 9.62 4.44 29.03
C PRO B 82 10.01 3.41 30.07
N GLU B 83 11.31 3.36 30.42
CA GLU B 83 11.82 2.39 31.40
C GLU B 83 11.10 2.44 32.76
N ASN B 84 10.58 3.62 33.09
CA ASN B 84 9.85 3.84 34.34
C ASN B 84 8.45 3.20 34.35
N PHE B 85 7.90 2.94 33.17
CA PHE B 85 6.59 2.31 33.07
C PHE B 85 6.80 0.81 33.22
N LYS B 86 7.20 0.41 34.42
CA LYS B 86 7.48 -0.98 34.72
C LYS B 86 6.28 -1.90 34.57
N ASP B 87 5.13 -1.47 35.07
CA ASP B 87 3.91 -2.27 35.00
C ASP B 87 3.42 -2.51 33.58
N SER B 88 3.47 -1.48 32.73
CA SER B 88 3.09 -1.55 31.32
C SER B 88 4.09 -2.49 30.58
N ARG B 89 5.38 -2.35 30.87
CA ARG B 89 6.39 -3.19 30.24
C ARG B 89 6.18 -4.66 30.60
N LEU B 90 5.87 -4.94 31.88
CA LEU B 90 5.56 -6.30 32.30
C LEU B 90 4.32 -6.83 31.60
N LYS B 91 3.26 -6.00 31.51
CA LYS B 91 2.00 -6.39 30.87
C LYS B 91 2.23 -6.65 29.36
N ARG B 92 2.99 -5.78 28.69
CA ARG B 92 3.29 -5.93 27.26
C ARG B 92 4.04 -7.29 27.03
N LYS B 93 5.07 -7.57 27.85
CA LYS B 93 5.88 -8.81 27.70
C LYS B 93 5.02 -10.04 27.91
N GLY B 94 4.18 -10.02 28.94
CA GLY B 94 3.29 -11.15 29.21
C GLY B 94 2.29 -11.40 28.10
N LEU B 95 1.73 -10.30 27.53
CA LEU B 95 0.75 -10.43 26.45
C LEU B 95 1.39 -10.99 25.20
N VAL B 96 2.58 -10.49 24.84
CA VAL B 96 3.31 -11.02 23.66
C VAL B 96 3.58 -12.49 23.87
N LYS B 97 4.05 -12.88 25.07
CA LYS B 97 4.31 -14.31 25.33
C LYS B 97 3.02 -15.16 25.21
N LYS B 98 1.90 -14.65 25.68
CA LYS B 98 0.60 -15.35 25.61
C LYS B 98 0.19 -15.54 24.15
N VAL B 99 0.32 -14.47 23.35
CA VAL B 99 -0.02 -14.54 21.91
C VAL B 99 0.90 -15.57 21.20
N GLN B 100 2.18 -15.57 21.53
CA GLN B 100 3.13 -16.50 20.90
C GLN B 100 2.79 -17.95 21.29
N ALA B 101 2.32 -18.19 22.52
CA ALA B 101 1.90 -19.53 22.94
C ALA B 101 0.64 -19.93 22.12
N PHE B 102 -0.29 -18.98 21.89
CA PHE B 102 -1.47 -19.30 21.06
C PHE B 102 -1.08 -19.55 19.62
N LEU B 103 -0.10 -18.77 19.11
CA LEU B 103 0.39 -19.00 17.73
C LEU B 103 0.99 -20.39 17.56
N ALA B 104 1.70 -20.89 18.59
CA ALA B 104 2.27 -22.23 18.53
C ALA B 104 1.15 -23.25 18.49
N GLU B 105 0.06 -23.01 19.25
CA GLU B 105 -1.11 -23.91 19.17
C GLU B 105 -1.75 -23.84 17.76
N CYS B 106 -1.85 -22.65 17.16
CA CYS B 106 -2.42 -22.52 15.81
C CYS B 106 -1.59 -23.34 14.82
N ASP B 107 -0.25 -23.25 14.95
CA ASP B 107 0.70 -23.95 14.11
C ASP B 107 0.51 -25.47 14.19
N THR B 108 0.22 -26.02 15.39
CA THR B 108 -0.03 -27.47 15.55
C THR B 108 -1.25 -27.86 14.75
N VAL B 109 -2.28 -27.01 14.75
CA VAL B 109 -3.47 -27.30 13.97
C VAL B 109 -3.16 -27.17 12.47
N GLU B 110 -2.66 -26.00 12.08
CA GLU B 110 -2.45 -25.64 10.69
C GLU B 110 -1.55 -26.60 9.93
N GLN B 111 -0.50 -27.08 10.58
CA GLN B 111 0.41 -28.03 9.93
C GLN B 111 -0.12 -29.48 9.93
N ASN B 112 -1.15 -29.81 10.75
CA ASN B 112 -1.77 -31.15 10.85
C ASN B 112 -2.97 -31.33 9.88
N ILE B 113 -3.32 -30.31 9.11
CA ILE B 113 -4.47 -30.39 8.22
C ILE B 113 -4.28 -29.70 6.87
N CYS B 114 -5.10 -30.11 5.90
CA CYS B 114 -5.07 -29.52 4.55
C CYS B 114 -3.66 -29.39 3.99
N GLN B 115 -2.85 -30.46 4.16
CA GLN B 115 -1.47 -30.57 3.73
C GLN B 115 -1.36 -30.63 2.21
O2 KC7 C . 5.38 3.82 3.35
C1 KC7 C . 4.56 4.29 2.28
C2 KC7 C . 4.64 3.38 1.05
O1 KC7 C . 5.92 2.78 0.89
C3 KC7 C . 4.26 4.29 -0.14
C5 KC7 C . 2.97 3.88 -0.82
O KC7 C . 3.03 2.54 -1.29
C4 KC7 C . 4.28 5.71 0.41
C KC7 C . 5.03 5.64 1.74
N KC7 C . 4.65 6.71 2.64
C6 KC7 C . 5.52 7.57 3.24
N2 KC7 C . 6.85 7.45 2.98
C13 KC7 C . 7.66 8.32 3.66
N1 KC7 C . 7.31 9.26 4.53
C12 KC7 C . 5.97 9.37 4.78
C7 KC7 C . 5.01 8.55 4.16
C11 KC7 C . 5.56 10.34 5.72
C10 KC7 C . 4.25 10.49 6.03
C9 KC7 C . 3.27 9.69 5.41
C8 KC7 C . 3.64 8.76 4.49
O3 KC7 C . 2.74 7.99 3.83
C14 KC7 C . 1.62 7.53 4.55
C15 KC7 C . 0.86 6.67 3.60
C20 KC7 C . 0.37 7.18 2.42
C19 KC7 C . -0.32 6.36 1.53
C18 KC7 C . -0.51 5.03 1.82
C17 KC7 C . -0.01 4.51 3.01
C16 KC7 C . 0.67 5.32 3.89
C TRS D . 0.32 7.56 -8.86
C1 TRS D . -0.15 9.01 -8.73
C2 TRS D . -0.88 6.59 -8.84
C3 TRS D . 1.31 7.17 -7.76
N TRS D . 1.01 7.41 -10.18
O1 TRS D . -0.86 9.27 -7.53
O2 TRS D . -1.47 6.44 -10.12
O3 TRS D . 1.93 8.30 -7.16
C1 GOL E . 6.21 -13.95 16.07
O1 GOL E . 5.86 -14.55 17.32
C2 GOL E . 7.70 -13.82 15.91
O2 GOL E . 8.17 -12.71 16.70
C3 GOL E . 8.43 -15.08 16.32
O3 GOL E . 8.09 -16.15 15.42
C1 GOL F . 17.32 16.03 6.07
O1 GOL F . 17.33 16.76 7.29
C2 GOL F . 17.96 16.82 4.96
O2 GOL F . 17.24 18.03 4.76
C3 GOL F . 17.91 15.99 3.69
O3 GOL F . 18.70 14.82 3.82
C1 GOL G . 4.80 -18.83 18.53
O1 GOL G . 5.45 -19.58 19.54
C2 GOL G . 5.81 -18.03 17.75
O2 GOL G . 6.33 -16.96 18.52
C3 GOL G . 5.14 -17.48 16.51
O3 GOL G . 5.86 -18.00 15.42
C1 GOL H . 21.46 4.48 15.83
O1 GOL H . 20.45 5.34 16.36
C2 GOL H . 21.18 4.13 14.39
O2 GOL H . 20.97 5.32 13.66
C3 GOL H . 22.23 3.31 13.65
O3 GOL H . 22.46 2.06 14.29
C1 GOL I . 24.83 -14.91 13.32
O1 GOL I . 23.63 -15.47 12.80
C2 GOL I . 25.77 -14.58 12.18
O2 GOL I . 25.63 -15.56 11.14
C3 GOL I . 27.20 -14.55 12.65
O3 GOL I . 28.04 -13.96 11.67
S DMS J . -14.32 12.95 3.78
O DMS J . -14.63 11.69 3.09
C1 DMS J . -14.27 14.26 2.56
C2 DMS J . -12.60 12.92 4.17
S DMS K . 2.97 0.02 -15.87
O DMS K . 3.03 -1.43 -16.05
C1 DMS K . 4.42 0.42 -14.91
C2 DMS K . 1.73 0.37 -14.63
S DMS L . -6.65 18.05 -20.22
O DMS L . -8.02 17.76 -20.70
C1 DMS L . -6.11 19.37 -21.27
C2 DMS L . -5.69 16.73 -20.91
C1 GOL M . 5.77 2.21 39.92
O1 GOL M . 6.70 3.15 40.43
C2 GOL M . 6.07 1.92 38.47
O2 GOL M . 6.18 3.18 37.78
C3 GOL M . 4.91 1.14 37.88
O3 GOL M . 4.98 1.10 36.45
C1 GOL N . -1.19 -11.35 30.44
O1 GOL N . -1.35 -11.55 29.04
C2 GOL N . 0.01 -10.47 30.74
O2 GOL N . -0.12 -9.23 30.04
C3 GOL N . 0.18 -10.23 32.22
O3 GOL N . 1.56 -10.19 32.56
#